data_1AOD
#
_entry.id   1AOD
#
_cell.length_a   82.100
_cell.length_b   82.100
_cell.length_c   92.100
_cell.angle_alpha   90.00
_cell.angle_beta   90.00
_cell.angle_gamma   120.00
#
_symmetry.space_group_name_H-M   'P 31 2 1'
#
loop_
_entity.id
_entity.type
_entity.pdbx_description
1 polymer 'PHOSPHATIDYLINOSITOL-SPECIFIC PHOSPHOLIPASE C'
2 non-polymer 1,2,3,4,5,6-HEXAHYDROXY-CYCLOHEXANE
3 water water
#
_entity_poly.entity_id   1
_entity_poly.type   'polypeptide(L)'
_entity_poly.pdbx_seq_one_letter_code
;AYSLNNWNKPIKNSVTTKQWMSALPDTTNLAALSIPGTHDTMSYNGDITWTLTKPLAQTQTMSLYQQLEAGIRYIDIRAK
DNLNIYHGPIFLNASLSGVLETITQFLKKNPKETIIMRLKDEQNSNDSFDYRIQPLINIYKDYFYTTPRTDTSNKIPTLK
DVRGKILLLSENHTKKPLVINSRKFGMQFGAPNQVIQDDYNGPSVKTKFKEIVQTAYQASKADNKLFLNHISATSLTFTP
RQYAAALNNKVEQFVLNLTSEKVRGLGILIMDFPEKQTIKNIIKNNKFN
;
_entity_poly.pdbx_strand_id   A
#
loop_
_chem_comp.id
_chem_comp.type
_chem_comp.name
_chem_comp.formula
INS non-polymer 1,2,3,4,5,6-HEXAHYDROXY-CYCLOHEXANE 'C6 H12 O6'
#
# COMPACT_ATOMS: atom_id res chain seq x y z
N VAL A 15 -21.72 -5.41 2.72
CA VAL A 15 -21.07 -4.15 3.19
C VAL A 15 -20.46 -3.40 2.00
N THR A 16 -20.35 -2.07 2.13
CA THR A 16 -19.80 -1.24 1.07
C THR A 16 -18.28 -1.23 1.05
N THR A 17 -17.70 -1.18 -0.16
CA THR A 17 -16.26 -1.14 -0.33
C THR A 17 -15.72 0.17 0.21
N LYS A 18 -16.61 1.15 0.35
CA LYS A 18 -16.26 2.47 0.85
C LYS A 18 -15.97 2.43 2.35
N GLN A 19 -16.59 1.51 3.07
CA GLN A 19 -16.39 1.40 4.51
C GLN A 19 -16.27 -0.04 5.00
N TRP A 20 -15.57 -0.89 4.26
CA TRP A 20 -15.44 -2.30 4.65
C TRP A 20 -14.72 -2.60 5.96
N MET A 21 -13.75 -1.79 6.35
CA MET A 21 -13.04 -2.05 7.60
C MET A 21 -13.84 -1.74 8.85
N SER A 22 -14.79 -0.81 8.73
CA SER A 22 -15.62 -0.43 9.88
C SER A 22 -16.46 -1.61 10.37
N ALA A 23 -16.80 -2.52 9.46
CA ALA A 23 -17.60 -3.70 9.77
C ALA A 23 -16.77 -4.83 10.40
N LEU A 24 -15.46 -4.65 10.43
CA LEU A 24 -14.57 -5.63 11.02
C LEU A 24 -14.48 -5.33 12.50
N PRO A 25 -14.25 -6.36 13.32
CA PRO A 25 -14.15 -6.19 14.78
C PRO A 25 -12.92 -5.39 15.25
N ASP A 26 -13.19 -4.45 16.14
CA ASP A 26 -12.19 -3.57 16.73
C ASP A 26 -10.95 -4.24 17.26
N THR A 27 -11.11 -5.49 17.70
CA THR A 27 -10.01 -6.27 18.27
C THR A 27 -9.11 -7.00 17.28
N THR A 28 -9.50 -7.00 16.00
CA THR A 28 -8.72 -7.67 14.96
C THR A 28 -7.38 -7.01 14.75
N ASN A 29 -6.35 -7.82 14.55
CA ASN A 29 -5.01 -7.29 14.33
C ASN A 29 -4.85 -7.01 12.84
N LEU A 30 -4.10 -5.96 12.53
CA LEU A 30 -3.87 -5.56 11.16
C LEU A 30 -3.26 -6.70 10.33
N ALA A 31 -2.43 -7.52 10.98
CA ALA A 31 -1.76 -8.65 10.33
C ALA A 31 -2.68 -9.84 10.04
N ALA A 32 -3.89 -9.84 10.61
CA ALA A 32 -4.84 -10.92 10.40
C ALA A 32 -5.82 -10.67 9.26
N LEU A 33 -5.60 -9.59 8.50
CA LEU A 33 -6.50 -9.24 7.41
C LEU A 33 -5.93 -9.46 6.02
N SER A 34 -6.84 -9.55 5.05
CA SER A 34 -6.49 -9.67 3.64
C SER A 34 -6.80 -8.26 3.15
N ILE A 35 -5.76 -7.53 2.74
CA ILE A 35 -5.95 -6.15 2.32
C ILE A 35 -5.55 -5.86 0.87
N PRO A 36 -6.47 -5.27 0.09
CA PRO A 36 -6.18 -4.94 -1.30
C PRO A 36 -5.39 -3.64 -1.33
N GLY A 37 -4.34 -3.60 -2.14
CA GLY A 37 -3.55 -2.39 -2.22
C GLY A 37 -3.08 -2.11 -3.63
N THR A 38 -2.58 -0.91 -3.88
CA THR A 38 -2.10 -0.58 -5.21
C THR A 38 -0.61 -0.27 -5.24
N HIS A 39 0.05 -0.73 -6.30
CA HIS A 39 1.47 -0.51 -6.52
C HIS A 39 1.61 0.77 -7.35
N ASP A 40 2.49 1.68 -6.92
CA ASP A 40 2.72 2.93 -7.61
C ASP A 40 1.37 3.62 -7.84
N THR A 41 0.64 3.73 -6.74
CA THR A 41 -0.69 4.31 -6.69
C THR A 41 -1.01 5.52 -7.56
N MET A 42 -0.08 6.46 -7.65
CA MET A 42 -0.30 7.70 -8.40
C MET A 42 -0.01 7.69 -9.89
N SER A 43 0.48 6.57 -10.42
CA SER A 43 0.81 6.51 -11.83
C SER A 43 -0.38 6.28 -12.75
N TYR A 44 -1.37 7.15 -12.66
CA TYR A 44 -2.57 7.07 -13.49
C TYR A 44 -2.71 8.33 -14.33
N ASN A 45 -1.77 9.24 -14.13
CA ASN A 45 -1.70 10.51 -14.85
C ASN A 45 -0.29 11.05 -14.62
N GLY A 46 0.15 11.99 -15.46
CA GLY A 46 1.47 12.55 -15.33
C GLY A 46 1.74 13.56 -16.42
N ASP A 47 2.98 14.04 -16.49
CA ASP A 47 3.34 15.02 -17.51
C ASP A 47 3.51 14.46 -18.93
N ILE A 48 4.05 15.29 -19.83
CA ILE A 48 4.25 14.90 -21.22
C ILE A 48 5.07 13.62 -21.37
N THR A 49 6.11 13.47 -20.54
CA THR A 49 6.96 12.29 -20.59
C THR A 49 6.14 11.06 -20.20
N TRP A 50 5.14 11.26 -19.35
CA TRP A 50 4.27 10.18 -18.90
C TRP A 50 3.43 9.63 -20.05
N THR A 51 2.86 10.50 -20.89
CA THR A 51 2.07 10.04 -22.03
C THR A 51 2.93 9.41 -23.12
N LEU A 52 4.19 9.83 -23.22
CA LEU A 52 5.12 9.30 -24.22
C LEU A 52 5.60 7.89 -23.82
N THR A 53 5.66 7.63 -22.53
CA THR A 53 6.09 6.34 -21.99
C THR A 53 4.94 5.61 -21.30
N LYS A 54 3.72 6.07 -21.55
CA LYS A 54 2.50 5.55 -20.95
C LYS A 54 2.36 4.04 -20.69
N PRO A 55 2.63 3.19 -21.70
CA PRO A 55 2.49 1.75 -21.46
C PRO A 55 3.51 1.14 -20.49
N LEU A 56 4.67 1.78 -20.35
CA LEU A 56 5.72 1.30 -19.46
C LEU A 56 5.59 1.85 -18.04
N ALA A 57 5.17 3.10 -17.93
CA ALA A 57 5.04 3.77 -16.65
C ALA A 57 3.69 3.67 -15.96
N GLN A 58 2.59 3.66 -16.73
CA GLN A 58 1.27 3.59 -16.12
C GLN A 58 1.02 2.24 -15.42
N THR A 59 0.48 2.31 -14.21
CA THR A 59 0.17 1.10 -13.43
C THR A 59 -1.28 1.11 -12.92
N GLN A 60 -1.93 2.27 -13.00
CA GLN A 60 -3.32 2.41 -12.54
C GLN A 60 -4.17 3.22 -13.51
N THR A 61 -5.49 3.05 -13.40
CA THR A 61 -6.43 3.81 -14.22
C THR A 61 -7.31 4.66 -13.31
N MET A 62 -7.60 4.13 -12.13
CA MET A 62 -8.42 4.83 -11.13
C MET A 62 -7.56 5.84 -10.39
N SER A 63 -8.16 6.98 -10.06
CA SER A 63 -7.45 8.02 -9.32
C SER A 63 -7.39 7.60 -7.84
N LEU A 64 -6.60 8.32 -7.05
CA LEU A 64 -6.45 8.04 -5.63
C LEU A 64 -7.79 7.95 -4.89
N TYR A 65 -8.64 8.97 -5.03
CA TYR A 65 -9.94 8.95 -4.34
C TYR A 65 -10.80 7.78 -4.81
N GLN A 66 -10.75 7.47 -6.09
CA GLN A 66 -11.54 6.36 -6.64
C GLN A 66 -11.06 5.01 -6.13
N GLN A 67 -9.75 4.87 -5.94
CA GLN A 67 -9.17 3.63 -5.43
C GLN A 67 -9.62 3.39 -3.98
N LEU A 68 -9.59 4.44 -3.17
CA LEU A 68 -10.02 4.37 -1.78
C LEU A 68 -11.49 3.99 -1.68
N GLU A 69 -12.32 4.60 -2.53
CA GLU A 69 -13.74 4.29 -2.54
C GLU A 69 -14.01 2.87 -3.02
N ALA A 70 -13.08 2.32 -3.80
CA ALA A 70 -13.22 0.97 -4.33
C ALA A 70 -12.74 -0.09 -3.34
N GLY A 71 -12.22 0.33 -2.19
CA GLY A 71 -11.77 -0.62 -1.19
C GLY A 71 -10.28 -0.74 -0.95
N ILE A 72 -9.47 -0.08 -1.77
CA ILE A 72 -8.02 -0.12 -1.61
C ILE A 72 -7.66 0.49 -0.27
N ARG A 73 -6.83 -0.19 0.51
CA ARG A 73 -6.44 0.35 1.81
C ARG A 73 -4.94 0.44 2.00
N TYR A 74 -4.19 0.06 0.98
CA TYR A 74 -2.73 0.17 1.02
C TYR A 74 -2.32 0.95 -0.22
N ILE A 75 -1.59 2.05 -0.02
CA ILE A 75 -1.14 2.86 -1.16
C ILE A 75 0.38 3.01 -1.20
N ASP A 76 0.87 3.20 -2.42
CA ASP A 76 2.30 3.32 -2.67
C ASP A 76 2.61 4.68 -3.29
N ILE A 77 2.97 5.63 -2.44
CA ILE A 77 3.27 6.99 -2.85
C ILE A 77 4.77 7.23 -2.93
N ARG A 78 5.23 7.69 -4.08
CA ARG A 78 6.66 7.95 -4.30
C ARG A 78 6.91 9.42 -4.60
N ALA A 79 7.73 10.05 -3.74
CA ALA A 79 8.02 11.47 -3.86
C ALA A 79 9.50 11.86 -3.87
N LYS A 80 9.75 13.14 -4.13
CA LYS A 80 11.09 13.71 -4.14
C LYS A 80 11.08 14.90 -3.18
N ASP A 81 12.26 15.38 -2.78
CA ASP A 81 12.35 16.50 -1.83
C ASP A 81 11.65 17.81 -2.21
N ASN A 82 11.09 17.87 -3.41
CA ASN A 82 10.35 19.05 -3.85
C ASN A 82 8.89 18.87 -3.42
N LEU A 83 8.61 17.73 -2.80
CA LEU A 83 7.28 17.36 -2.31
C LEU A 83 6.25 17.02 -3.38
N ASN A 84 6.73 16.71 -4.58
CA ASN A 84 5.87 16.33 -5.70
C ASN A 84 5.95 14.82 -5.90
N ILE A 85 4.92 14.28 -6.56
CA ILE A 85 4.85 12.85 -6.83
C ILE A 85 5.57 12.54 -8.13
N TYR A 86 6.42 11.52 -8.11
CA TYR A 86 7.21 11.15 -9.27
C TYR A 86 7.25 9.65 -9.53
N HIS A 87 7.61 9.32 -10.78
CA HIS A 87 7.81 7.95 -11.20
C HIS A 87 9.19 8.09 -11.86
N GLY A 88 10.22 8.08 -11.01
CA GLY A 88 11.57 8.25 -11.49
C GLY A 88 11.71 9.70 -11.92
N PRO A 89 12.04 9.95 -13.20
CA PRO A 89 12.20 11.30 -13.73
C PRO A 89 10.87 11.90 -14.19
N ILE A 90 9.83 11.08 -14.17
CA ILE A 90 8.50 11.46 -14.61
C ILE A 90 7.61 12.09 -13.54
N PHE A 91 7.21 13.35 -13.76
CA PHE A 91 6.32 14.05 -12.85
C PHE A 91 4.92 13.44 -13.05
N LEU A 92 4.24 13.15 -11.94
CA LEU A 92 2.92 12.55 -12.03
C LEU A 92 1.75 13.51 -11.83
N ASN A 93 2.00 14.80 -11.97
CA ASN A 93 0.96 15.82 -11.80
C ASN A 93 0.23 15.70 -10.48
N ALA A 94 1.00 15.64 -9.40
CA ALA A 94 0.45 15.54 -8.06
C ALA A 94 1.50 15.93 -7.04
N SER A 95 1.04 16.43 -5.90
CA SER A 95 1.93 16.85 -4.81
C SER A 95 1.60 16.01 -3.58
N LEU A 96 2.50 15.97 -2.61
CA LEU A 96 2.25 15.19 -1.41
C LEU A 96 1.13 15.82 -0.59
N SER A 97 1.01 17.14 -0.66
CA SER A 97 -0.03 17.85 0.07
C SER A 97 -1.39 17.46 -0.51
N GLY A 98 -1.46 17.39 -1.84
CA GLY A 98 -2.69 17.02 -2.50
C GLY A 98 -3.07 15.60 -2.15
N VAL A 99 -2.07 14.72 -2.04
CA VAL A 99 -2.28 13.32 -1.68
C VAL A 99 -2.77 13.25 -0.24
N LEU A 100 -2.05 13.92 0.65
CA LEU A 100 -2.40 13.94 2.05
C LEU A 100 -3.79 14.50 2.28
N GLU A 101 -4.16 15.53 1.53
CA GLU A 101 -5.48 16.11 1.71
C GLU A 101 -6.57 15.14 1.27
N THR A 102 -6.32 14.44 0.16
CA THR A 102 -7.29 13.49 -0.36
C THR A 102 -7.52 12.35 0.61
N ILE A 103 -6.42 11.75 1.08
CA ILE A 103 -6.46 10.63 2.02
C ILE A 103 -7.16 11.03 3.32
N THR A 104 -6.79 12.21 3.81
CA THR A 104 -7.35 12.78 5.04
C THR A 104 -8.85 13.06 4.90
N GLN A 105 -9.27 13.53 3.73
CA GLN A 105 -10.69 13.79 3.50
C GLN A 105 -11.46 12.48 3.54
N PHE A 106 -10.89 11.44 2.96
CA PHE A 106 -11.52 10.12 2.93
C PHE A 106 -11.73 9.57 4.34
N LEU A 107 -10.72 9.70 5.19
CA LEU A 107 -10.78 9.23 6.57
C LEU A 107 -11.76 10.04 7.43
N LYS A 108 -11.95 11.30 7.08
CA LYS A 108 -12.86 12.20 7.79
C LYS A 108 -14.30 11.80 7.47
N LYS A 109 -14.51 11.39 6.22
CA LYS A 109 -15.80 10.96 5.71
C LYS A 109 -16.14 9.55 6.23
N ASN A 110 -15.15 8.66 6.20
CA ASN A 110 -15.31 7.29 6.66
C ASN A 110 -14.28 7.10 7.77
N PRO A 111 -14.62 7.55 9.00
CA PRO A 111 -13.79 7.50 10.22
C PRO A 111 -13.31 6.17 10.82
N LYS A 112 -13.83 5.04 10.35
CA LYS A 112 -13.41 3.75 10.88
C LYS A 112 -12.35 3.05 10.03
N GLU A 113 -12.20 3.50 8.77
CA GLU A 113 -11.23 2.91 7.86
C GLU A 113 -9.81 3.26 8.27
N THR A 114 -8.85 2.45 7.81
CA THR A 114 -7.44 2.69 8.08
C THR A 114 -6.68 2.52 6.77
N ILE A 115 -5.62 3.30 6.59
CA ILE A 115 -4.84 3.23 5.37
C ILE A 115 -3.36 2.99 5.65
N ILE A 116 -2.82 1.96 5.01
CA ILE A 116 -1.40 1.64 5.14
C ILE A 116 -0.79 2.46 4.00
N MET A 117 0.25 3.22 4.30
CA MET A 117 0.87 4.06 3.28
C MET A 117 2.38 3.98 3.20
N ARG A 118 2.85 3.42 2.09
CA ARG A 118 4.28 3.33 1.87
C ARG A 118 4.68 4.66 1.25
N LEU A 119 5.67 5.32 1.84
CA LEU A 119 6.14 6.59 1.32
C LEU A 119 7.61 6.43 0.97
N LYS A 120 7.90 6.43 -0.32
CA LYS A 120 9.26 6.26 -0.79
C LYS A 120 9.86 7.52 -1.38
N ASP A 121 11.16 7.67 -1.18
CA ASP A 121 11.94 8.78 -1.69
C ASP A 121 12.50 8.30 -3.02
N GLU A 122 12.20 9.01 -4.10
CA GLU A 122 12.68 8.62 -5.44
C GLU A 122 14.17 8.83 -5.67
N GLN A 123 14.80 9.66 -4.83
CA GLN A 123 16.22 9.93 -4.91
C GLN A 123 16.83 9.55 -3.56
N ASN A 124 16.84 8.24 -3.27
CA ASN A 124 17.34 7.69 -2.00
C ASN A 124 18.77 8.07 -1.63
N SER A 125 19.35 9.03 -2.35
CA SER A 125 20.71 9.48 -2.12
C SER A 125 20.83 10.67 -1.16
N ASN A 126 19.70 11.14 -0.63
CA ASN A 126 19.72 12.30 0.26
C ASN A 126 18.90 12.16 1.55
N ASP A 127 19.43 12.73 2.64
CA ASP A 127 18.77 12.72 3.94
C ASP A 127 17.87 13.95 4.09
N SER A 128 17.89 14.82 3.07
CA SER A 128 17.09 16.04 3.08
C SER A 128 15.60 15.75 2.89
N PHE A 129 15.28 14.54 2.42
CA PHE A 129 13.89 14.13 2.22
C PHE A 129 13.19 14.02 3.57
N ASP A 130 13.85 13.36 4.52
CA ASP A 130 13.32 13.16 5.86
C ASP A 130 12.90 14.48 6.51
N TYR A 131 13.77 15.47 6.48
CA TYR A 131 13.50 16.78 7.08
C TYR A 131 12.45 17.61 6.36
N ARG A 132 12.50 17.59 5.03
CA ARG A 132 11.58 18.36 4.21
C ARG A 132 10.10 17.94 4.29
N ILE A 133 9.84 16.65 4.48
CA ILE A 133 8.46 16.17 4.57
C ILE A 133 7.84 16.37 5.95
N GLN A 134 8.68 16.56 6.96
CA GLN A 134 8.20 16.73 8.34
C GLN A 134 7.13 17.79 8.57
N PRO A 135 7.30 19.01 8.02
CA PRO A 135 6.29 20.05 8.23
C PRO A 135 4.92 19.64 7.69
N LEU A 136 4.92 18.97 6.54
CA LEU A 136 3.68 18.51 5.90
C LEU A 136 3.00 17.39 6.67
N ILE A 137 3.80 16.42 7.11
CA ILE A 137 3.31 15.29 7.88
C ILE A 137 2.77 15.79 9.22
N ASN A 138 3.47 16.78 9.78
CA ASN A 138 3.10 17.38 11.07
C ASN A 138 1.74 18.09 11.04
N ILE A 139 1.40 18.66 9.89
CA ILE A 139 0.12 19.35 9.68
C ILE A 139 -1.03 18.37 9.86
N TYR A 140 -0.78 17.11 9.53
CA TYR A 140 -1.79 16.07 9.64
C TYR A 140 -1.52 15.04 10.72
N LYS A 141 -0.80 15.44 11.76
CA LYS A 141 -0.47 14.54 12.87
C LYS A 141 -1.68 13.81 13.46
N ASP A 142 -2.84 14.47 13.52
CA ASP A 142 -4.04 13.84 14.06
C ASP A 142 -4.53 12.67 13.23
N TYR A 143 -4.05 12.54 11.99
CA TYR A 143 -4.46 11.45 11.11
C TYR A 143 -3.45 10.33 10.96
N PHE A 144 -2.37 10.40 11.72
CA PHE A 144 -1.34 9.37 11.67
C PHE A 144 -1.26 8.55 12.94
N TYR A 145 -1.09 7.23 12.77
CA TYR A 145 -0.92 6.34 13.90
C TYR A 145 0.46 6.68 14.43
N THR A 146 0.54 6.98 15.71
CA THR A 146 1.82 7.35 16.29
C THR A 146 2.07 6.75 17.67
N THR A 147 3.34 6.44 17.93
CA THR A 147 3.78 5.87 19.21
C THR A 147 4.95 6.70 19.73
N PRO A 148 5.29 6.56 21.02
CA PRO A 148 6.42 7.35 21.56
C PRO A 148 7.74 6.89 20.94
N ARG A 149 8.70 7.80 20.85
CA ARG A 149 10.01 7.50 20.28
C ARG A 149 10.72 6.33 20.98
N THR A 150 10.64 6.31 22.30
CA THR A 150 11.27 5.29 23.13
C THR A 150 10.71 3.88 22.92
N ASP A 151 9.46 3.81 22.49
CA ASP A 151 8.78 2.54 22.24
C ASP A 151 9.30 1.86 20.99
N THR A 152 10.07 0.78 21.18
CA THR A 152 10.62 0.02 20.07
C THR A 152 9.92 -1.35 20.03
N SER A 153 8.68 -1.39 20.55
CA SER A 153 7.88 -2.60 20.61
C SER A 153 7.60 -3.21 19.23
N ASN A 154 7.63 -2.37 18.19
CA ASN A 154 7.39 -2.78 16.80
C ASN A 154 6.10 -3.57 16.51
N LYS A 155 5.37 -3.92 17.56
CA LYS A 155 4.15 -4.70 17.44
C LYS A 155 3.16 -4.12 16.43
N ILE A 156 2.48 -5.01 15.70
CA ILE A 156 1.50 -4.60 14.70
C ILE A 156 0.22 -4.22 15.43
N PRO A 157 -0.25 -2.98 15.22
CA PRO A 157 -1.47 -2.48 15.86
C PRO A 157 -2.76 -3.22 15.58
N THR A 158 -3.72 -2.94 16.44
CA THR A 158 -5.07 -3.49 16.39
C THR A 158 -5.93 -2.43 15.68
N LEU A 159 -7.05 -2.85 15.09
CA LEU A 159 -7.92 -1.90 14.38
C LEU A 159 -8.36 -0.73 15.25
N LYS A 160 -8.55 -0.96 16.54
CA LYS A 160 -8.96 0.10 17.46
C LYS A 160 -7.94 1.26 17.45
N ASP A 161 -6.66 0.89 17.46
CA ASP A 161 -5.57 1.85 17.48
C ASP A 161 -5.33 2.63 16.20
N VAL A 162 -5.74 2.06 15.06
CA VAL A 162 -5.54 2.71 13.78
C VAL A 162 -6.82 3.22 13.13
N ARG A 163 -7.92 3.23 13.88
CA ARG A 163 -9.20 3.71 13.34
C ARG A 163 -9.09 5.15 12.80
N GLY A 164 -9.54 5.33 11.56
CA GLY A 164 -9.48 6.65 10.95
C GLY A 164 -8.09 7.23 10.91
N LYS A 165 -7.07 6.36 10.87
CA LYS A 165 -5.69 6.81 10.83
C LYS A 165 -4.83 6.18 9.74
N ILE A 166 -3.67 6.80 9.50
CA ILE A 166 -2.74 6.32 8.49
C ILE A 166 -1.57 5.61 9.16
N LEU A 167 -1.28 4.39 8.71
CA LEU A 167 -0.13 3.66 9.22
C LEU A 167 0.94 3.95 8.17
N LEU A 168 1.92 4.77 8.52
CA LEU A 168 2.98 5.13 7.59
C LEU A 168 4.15 4.15 7.57
N LEU A 169 4.60 3.80 6.38
CA LEU A 169 5.73 2.90 6.21
C LEU A 169 6.79 3.68 5.44
N SER A 170 7.72 4.29 6.17
CA SER A 170 8.77 5.10 5.56
C SER A 170 9.89 4.35 4.89
N GLU A 171 10.28 4.83 3.72
CA GLU A 171 11.37 4.25 2.96
C GLU A 171 12.24 5.36 2.41
N ASN A 172 13.44 5.49 2.96
CA ASN A 172 14.39 6.50 2.51
C ASN A 172 15.80 6.15 3.00
N HIS A 173 16.76 6.99 2.61
CA HIS A 173 18.17 6.82 2.94
C HIS A 173 18.49 6.58 4.43
N THR A 174 17.78 7.28 5.32
CA THR A 174 18.02 7.15 6.76
C THR A 174 17.80 5.73 7.30
N LYS A 175 17.05 4.93 6.57
CA LYS A 175 16.76 3.54 6.95
C LYS A 175 16.10 3.44 8.32
N LYS A 176 15.45 4.51 8.74
CA LYS A 176 14.79 4.56 10.05
C LYS A 176 13.36 5.11 9.90
N PRO A 177 12.52 4.96 10.94
CA PRO A 177 11.14 5.46 10.89
C PRO A 177 11.09 6.98 11.10
N LEU A 178 10.07 7.61 10.53
CA LEU A 178 9.91 9.05 10.65
C LEU A 178 9.60 9.45 12.09
N VAL A 179 10.57 10.11 12.71
CA VAL A 179 10.43 10.59 14.09
C VAL A 179 10.27 12.10 14.08
N ILE A 180 9.04 12.57 14.33
CA ILE A 180 8.78 14.00 14.39
C ILE A 180 8.52 14.32 15.85
N ASN A 181 9.31 15.24 16.41
CA ASN A 181 9.19 15.65 17.80
C ASN A 181 9.58 14.45 18.70
N SER A 182 8.70 14.08 19.63
CA SER A 182 8.96 12.96 20.52
C SER A 182 8.21 11.71 20.06
N ARG A 183 7.39 11.87 19.03
CA ARG A 183 6.59 10.78 18.47
C ARG A 183 7.21 10.13 17.23
N LYS A 184 7.01 8.82 17.13
CA LYS A 184 7.50 8.02 16.01
C LYS A 184 6.30 7.76 15.09
N PHE A 185 6.34 8.34 13.89
CA PHE A 185 5.25 8.20 12.92
C PHE A 185 5.29 6.90 12.13
N GLY A 186 4.33 6.02 12.43
CA GLY A 186 4.26 4.75 11.76
C GLY A 186 5.47 3.88 12.07
N MET A 187 6.03 3.29 11.03
CA MET A 187 7.21 2.44 11.16
C MET A 187 8.00 2.43 9.86
N GLN A 188 9.16 1.79 9.90
CA GLN A 188 10.05 1.71 8.75
C GLN A 188 9.63 0.63 7.75
N PHE A 189 9.67 0.97 6.46
CA PHE A 189 9.33 0.03 5.40
C PHE A 189 10.50 -0.93 5.34
N GLY A 190 10.21 -2.23 5.47
CA GLY A 190 11.27 -3.21 5.44
C GLY A 190 11.75 -3.60 6.84
N ALA A 191 11.06 -3.11 7.86
CA ALA A 191 11.39 -3.42 9.25
C ALA A 191 11.22 -4.93 9.46
N PRO A 192 11.88 -5.49 10.48
CA PRO A 192 11.81 -6.94 10.77
C PRO A 192 10.42 -7.53 11.02
N ASN A 193 9.42 -6.68 11.20
CA ASN A 193 8.05 -7.15 11.45
C ASN A 193 7.17 -7.28 10.20
N GLN A 194 7.77 -7.09 9.02
CA GLN A 194 7.02 -7.21 7.76
C GLN A 194 7.79 -8.00 6.71
N VAL A 195 7.09 -8.94 6.07
CA VAL A 195 7.67 -9.79 5.03
C VAL A 195 7.27 -9.24 3.67
N ILE A 196 8.26 -8.97 2.84
CA ILE A 196 8.03 -8.41 1.51
C ILE A 196 8.41 -9.30 0.33
N GLN A 197 7.47 -9.45 -0.59
CA GLN A 197 7.68 -10.19 -1.83
C GLN A 197 7.59 -9.09 -2.88
N ASP A 198 8.74 -8.74 -3.44
CA ASP A 198 8.82 -7.69 -4.44
C ASP A 198 9.73 -8.06 -5.61
N ASP A 199 9.39 -9.17 -6.26
CA ASP A 199 10.13 -9.63 -7.42
C ASP A 199 9.49 -8.94 -8.64
N TYR A 200 9.90 -7.71 -8.87
CA TYR A 200 9.37 -6.91 -9.96
C TYR A 200 10.17 -7.01 -11.26
N ASN A 201 11.48 -7.19 -11.12
CA ASN A 201 12.42 -7.24 -12.24
C ASN A 201 12.29 -8.39 -13.25
N GLY A 202 11.34 -8.24 -14.17
CA GLY A 202 11.11 -9.20 -15.23
C GLY A 202 10.98 -10.69 -14.97
N PRO A 203 10.14 -11.13 -14.02
CA PRO A 203 10.03 -12.57 -13.80
C PRO A 203 9.02 -13.16 -14.78
N SER A 204 9.07 -14.47 -15.00
CA SER A 204 8.09 -15.10 -15.88
C SER A 204 6.78 -15.13 -15.11
N VAL A 205 5.66 -15.17 -15.82
CA VAL A 205 4.34 -15.20 -15.18
C VAL A 205 4.21 -16.38 -14.21
N LYS A 206 4.62 -17.57 -14.63
CA LYS A 206 4.55 -18.79 -13.82
C LYS A 206 5.34 -18.64 -12.51
N THR A 207 6.56 -18.11 -12.61
CA THR A 207 7.40 -17.91 -11.44
C THR A 207 6.77 -16.88 -10.50
N LYS A 208 6.38 -15.73 -11.04
CA LYS A 208 5.78 -14.67 -10.25
C LYS A 208 4.57 -15.19 -9.48
N PHE A 209 3.76 -16.01 -10.15
CA PHE A 209 2.58 -16.57 -9.50
C PHE A 209 2.94 -17.49 -8.34
N LYS A 210 4.00 -18.29 -8.50
CA LYS A 210 4.45 -19.19 -7.46
C LYS A 210 4.85 -18.41 -6.21
N GLU A 211 5.55 -17.30 -6.40
CA GLU A 211 6.00 -16.44 -5.32
C GLU A 211 4.84 -15.72 -4.63
N ILE A 212 3.82 -15.38 -5.41
CA ILE A 212 2.63 -14.72 -4.87
C ILE A 212 1.91 -15.73 -3.97
N VAL A 213 1.68 -16.93 -4.52
CA VAL A 213 1.00 -18.04 -3.82
C VAL A 213 1.75 -18.51 -2.58
N GLN A 214 3.08 -18.60 -2.68
CA GLN A 214 3.89 -19.01 -1.54
C GLN A 214 3.82 -17.98 -0.43
N THR A 215 3.92 -16.71 -0.79
CA THR A 215 3.85 -15.64 0.19
C THR A 215 2.47 -15.55 0.87
N ALA A 216 1.40 -15.82 0.12
CA ALA A 216 0.05 -15.79 0.67
C ALA A 216 -0.12 -16.98 1.62
N TYR A 217 0.49 -18.10 1.24
CA TYR A 217 0.46 -19.32 2.04
C TYR A 217 1.15 -19.06 3.38
N GLN A 218 2.34 -18.48 3.34
CA GLN A 218 3.07 -18.17 4.56
C GLN A 218 2.32 -17.15 5.41
N ALA A 219 1.67 -16.20 4.74
CA ALA A 219 0.90 -15.15 5.41
C ALA A 219 -0.25 -15.70 6.26
N SER A 220 -0.89 -16.75 5.78
CA SER A 220 -2.00 -17.37 6.49
C SER A 220 -1.58 -18.04 7.80
N LYS A 221 -0.40 -18.65 7.82
CA LYS A 221 0.12 -19.35 9.00
C LYS A 221 0.63 -18.42 10.11
N ALA A 222 1.02 -17.21 9.75
CA ALA A 222 1.52 -16.24 10.73
C ALA A 222 0.49 -15.16 11.04
N ASP A 223 0.68 -14.47 12.16
CA ASP A 223 -0.23 -13.41 12.58
C ASP A 223 0.48 -12.28 13.33
N ASN A 224 1.81 -12.36 13.35
CA ASN A 224 2.63 -11.37 14.04
C ASN A 224 3.49 -10.51 13.10
N LYS A 225 3.26 -10.63 11.79
CA LYS A 225 4.00 -9.88 10.78
C LYS A 225 3.11 -9.39 9.63
N LEU A 226 3.49 -8.27 9.00
CA LEU A 226 2.73 -7.74 7.86
C LEU A 226 3.30 -8.25 6.54
N PHE A 227 2.45 -8.82 5.71
CA PHE A 227 2.89 -9.35 4.42
C PHE A 227 2.55 -8.44 3.27
N LEU A 228 3.59 -7.95 2.61
CA LEU A 228 3.45 -7.08 1.44
C LEU A 228 3.74 -7.98 0.24
N ASN A 229 2.68 -8.48 -0.38
CA ASN A 229 2.77 -9.38 -1.52
C ASN A 229 2.48 -8.66 -2.85
N HIS A 230 3.53 -8.33 -3.61
CA HIS A 230 3.37 -7.65 -4.89
C HIS A 230 2.96 -8.53 -6.05
N ILE A 231 1.79 -8.23 -6.63
CA ILE A 231 1.31 -8.98 -7.79
C ILE A 231 1.94 -8.32 -9.03
N SER A 232 2.39 -7.08 -8.86
CA SER A 232 2.99 -6.26 -9.90
C SER A 232 4.42 -6.62 -10.37
N ALA A 233 4.74 -6.22 -11.60
CA ALA A 233 6.04 -6.46 -12.21
C ALA A 233 6.16 -5.81 -13.59
N THR A 234 7.39 -5.71 -14.09
CA THR A 234 7.69 -5.17 -15.42
C THR A 234 8.86 -5.93 -16.00
N SER A 235 9.07 -5.71 -17.29
CA SER A 235 10.18 -6.31 -18.02
C SER A 235 10.33 -5.47 -19.27
N LEU A 236 11.40 -5.72 -20.01
CA LEU A 236 11.67 -4.99 -21.24
C LEU A 236 10.64 -5.34 -22.32
N THR A 237 10.09 -6.55 -22.24
CA THR A 237 9.13 -7.02 -23.24
C THR A 237 7.69 -7.25 -22.75
N PHE A 238 7.43 -6.98 -21.47
CA PHE A 238 6.09 -7.18 -20.90
C PHE A 238 5.76 -5.97 -20.02
N THR A 239 4.68 -5.28 -20.34
CA THR A 239 4.29 -4.09 -19.57
C THR A 239 3.52 -4.40 -18.29
N PRO A 240 3.42 -3.44 -17.34
CA PRO A 240 2.68 -3.69 -16.10
C PRO A 240 1.25 -4.14 -16.42
N ARG A 241 0.69 -3.53 -17.46
CA ARG A 241 -0.67 -3.82 -17.94
C ARG A 241 -0.78 -5.27 -18.37
N GLN A 242 0.27 -5.77 -19.03
CA GLN A 242 0.27 -7.16 -19.50
C GLN A 242 0.36 -8.17 -18.36
N TYR A 243 1.21 -7.89 -17.38
CA TYR A 243 1.36 -8.76 -16.21
C TYR A 243 0.06 -8.83 -15.41
N ALA A 244 -0.57 -7.68 -15.21
CA ALA A 244 -1.80 -7.60 -14.44
C ALA A 244 -2.91 -8.41 -15.07
N ALA A 245 -3.04 -8.29 -16.38
CA ALA A 245 -4.07 -9.00 -17.13
C ALA A 245 -3.89 -10.51 -17.04
N ALA A 246 -2.66 -10.97 -16.82
CA ALA A 246 -2.38 -12.38 -16.70
C ALA A 246 -2.47 -12.87 -15.26
N LEU A 247 -1.86 -12.11 -14.35
CA LEU A 247 -1.81 -12.46 -12.93
C LEU A 247 -3.01 -12.18 -12.04
N ASN A 248 -3.59 -10.98 -12.12
CA ASN A 248 -4.72 -10.61 -11.28
C ASN A 248 -5.84 -11.63 -11.18
N ASN A 249 -6.29 -12.15 -12.33
CA ASN A 249 -7.36 -13.15 -12.34
C ASN A 249 -6.94 -14.44 -11.66
N LYS A 250 -5.68 -14.84 -11.88
CA LYS A 250 -5.14 -16.05 -11.29
C LYS A 250 -5.09 -15.89 -9.78
N VAL A 251 -4.70 -14.70 -9.33
CA VAL A 251 -4.62 -14.41 -7.91
C VAL A 251 -6.02 -14.41 -7.30
N GLU A 252 -6.95 -13.79 -8.01
CA GLU A 252 -8.34 -13.69 -7.59
C GLU A 252 -9.01 -15.06 -7.38
N GLN A 253 -8.79 -15.99 -8.30
CA GLN A 253 -9.37 -17.33 -8.18
C GLN A 253 -8.73 -18.12 -7.05
N PHE A 254 -7.45 -17.88 -6.81
CA PHE A 254 -6.72 -18.54 -5.75
C PHE A 254 -7.28 -18.10 -4.40
N VAL A 255 -7.55 -16.79 -4.27
CA VAL A 255 -8.10 -16.20 -3.05
C VAL A 255 -9.53 -16.68 -2.82
N LEU A 256 -10.29 -16.80 -3.91
CA LEU A 256 -11.67 -17.28 -3.85
C LEU A 256 -11.70 -18.71 -3.28
N ASN A 257 -10.75 -19.53 -3.74
CA ASN A 257 -10.62 -20.91 -3.31
C ASN A 257 -10.29 -21.01 -1.82
N LEU A 258 -9.27 -20.26 -1.40
CA LEU A 258 -8.84 -20.24 -0.02
C LEU A 258 -9.94 -19.78 0.92
N THR A 259 -10.83 -18.95 0.40
CA THR A 259 -11.97 -18.45 1.17
C THR A 259 -12.93 -19.62 1.44
N SER A 260 -13.01 -20.55 0.49
CA SER A 260 -13.87 -21.73 0.62
C SER A 260 -13.29 -22.67 1.68
N GLU A 261 -11.97 -22.80 1.71
CA GLU A 261 -11.27 -23.65 2.67
C GLU A 261 -11.15 -23.00 4.04
N LYS A 262 -11.80 -21.84 4.20
CA LYS A 262 -11.80 -21.07 5.44
C LYS A 262 -10.43 -20.49 5.83
N VAL A 263 -9.57 -20.30 4.83
CA VAL A 263 -8.24 -19.74 5.04
C VAL A 263 -8.34 -18.23 4.82
N ARG A 264 -8.06 -17.46 5.88
CA ARG A 264 -8.14 -16.00 5.84
C ARG A 264 -6.84 -15.32 6.25
N GLY A 265 -6.82 -13.98 6.20
CA GLY A 265 -5.63 -13.23 6.56
C GLY A 265 -4.45 -13.45 5.65
N LEU A 266 -4.64 -13.17 4.36
CA LEU A 266 -3.62 -13.35 3.33
C LEU A 266 -2.62 -12.20 3.20
N GLY A 267 -2.78 -11.17 4.03
CA GLY A 267 -1.87 -10.05 3.96
C GLY A 267 -2.26 -9.01 2.94
N ILE A 268 -1.30 -8.17 2.58
CA ILE A 268 -1.52 -7.10 1.61
C ILE A 268 -1.21 -7.55 0.18
N LEU A 269 -2.24 -7.62 -0.64
CA LEU A 269 -2.09 -8.02 -2.04
C LEU A 269 -2.00 -6.73 -2.85
N ILE A 270 -0.78 -6.38 -3.23
CA ILE A 270 -0.48 -5.15 -3.95
C ILE A 270 -0.52 -5.33 -5.47
N MET A 271 -1.48 -4.66 -6.10
CA MET A 271 -1.69 -4.81 -7.55
C MET A 271 -1.57 -3.59 -8.46
N ASP A 272 -1.52 -3.91 -9.76
CA ASP A 272 -1.48 -2.94 -10.85
C ASP A 272 -2.81 -3.17 -11.57
N PHE A 273 -3.48 -2.09 -11.97
CA PHE A 273 -4.74 -2.20 -12.69
C PHE A 273 -5.75 -3.16 -12.07
N PRO A 274 -5.98 -3.05 -10.75
CA PRO A 274 -6.95 -3.96 -10.13
C PRO A 274 -8.37 -3.65 -10.61
N GLU A 275 -9.16 -4.68 -10.90
CA GLU A 275 -10.53 -4.48 -11.32
C GLU A 275 -11.42 -4.46 -10.08
N LYS A 276 -12.51 -3.71 -10.14
CA LYS A 276 -13.41 -3.59 -9.00
C LYS A 276 -13.85 -4.92 -8.37
N GLN A 277 -14.14 -5.90 -9.20
CA GLN A 277 -14.57 -7.22 -8.72
C GLN A 277 -13.45 -7.95 -7.97
N THR A 278 -12.23 -7.79 -8.46
CA THR A 278 -11.07 -8.41 -7.85
C THR A 278 -10.87 -7.87 -6.43
N ILE A 279 -10.98 -6.56 -6.29
CA ILE A 279 -10.82 -5.89 -5.00
C ILE A 279 -11.89 -6.37 -4.01
N LYS A 280 -13.12 -6.56 -4.50
CA LYS A 280 -14.22 -7.00 -3.65
C LYS A 280 -14.00 -8.42 -3.12
N ASN A 281 -13.47 -9.29 -3.96
CA ASN A 281 -13.22 -10.68 -3.57
C ASN A 281 -12.09 -10.82 -2.56
N ILE A 282 -11.11 -9.92 -2.64
CA ILE A 282 -10.01 -9.95 -1.69
C ILE A 282 -10.57 -9.53 -0.34
N ILE A 283 -11.45 -8.52 -0.36
CA ILE A 283 -12.09 -8.01 0.85
C ILE A 283 -12.94 -9.11 1.49
N LYS A 284 -13.69 -9.84 0.68
CA LYS A 284 -14.55 -10.92 1.16
C LYS A 284 -13.80 -12.10 1.78
N ASN A 285 -12.47 -12.08 1.74
CA ASN A 285 -11.69 -13.15 2.35
C ASN A 285 -11.67 -13.00 3.88
N ASN A 286 -11.99 -11.82 4.38
CA ASN A 286 -12.03 -11.55 5.81
C ASN A 286 -13.39 -11.99 6.36
N LYS A 287 -13.48 -12.13 7.69
CA LYS A 287 -14.74 -12.54 8.33
C LYS A 287 -15.50 -11.36 8.93
N PHE A 288 -16.80 -11.29 8.65
CA PHE A 288 -17.65 -10.20 9.15
C PHE A 288 -18.80 -10.66 10.07
C1 INS B . 10.55 -0.91 -8.37
C2 INS B . 9.19 -1.47 -8.21
C3 INS B . 9.01 -2.14 -6.81
C4 INS B . 9.37 -1.16 -5.72
C5 INS B . 10.82 -0.80 -5.90
C6 INS B . 11.00 -0.07 -7.24
O1 INS B . 10.67 -0.21 -9.61
O2 INS B . 8.18 -0.47 -8.44
O3 INS B . 7.65 -2.58 -6.63
O4 INS B . 9.16 -1.74 -4.43
O5 INS B . 11.20 0.06 -4.82
O6 INS B . 12.38 0.32 -7.43
#